data_9BFK
#
_entry.id   9BFK
#
_cell.length_a   1.00
_cell.length_b   1.00
_cell.length_c   1.00
_cell.angle_alpha   90.00
_cell.angle_beta   90.00
_cell.angle_gamma   90.00
#
_symmetry.space_group_name_H-M   'P 1'
#
loop_
_entity.id
_entity.type
_entity.pdbx_description
1 polymer 'High affinity choline transporter 1'
2 non-polymer 4-methoxy-3-[(1-methylpiperidin-4-yl)oxy]-N-{[3-(propan-2-yl)-1,2-oxazol-5-yl]methyl}benzamide
#
_entity_poly.entity_id   1
_entity_poly.type   'polypeptide(L)'
_entity_poly.pdbx_seq_one_letter_code
;MAFHVEGLIAIIVFYLLILLVGIWAAWRTKNSGSAEERSEAIIVGGRDIGLLVGGFTMTATWVGGGYINGTAEAVYVPGY
GLAWAQAPIGYSLSLILGGLFFAKPMRSKGYVTMLDPFQQIYGKRMGGLLFIPALMGEMFWAAAIFSALGATISVIIDVD
MHISVIISALIATLYTLVGGLYSVAYTDVVQLFCIFVGLWISVPFALSHPAVADIGFTAVHAKYQKPWLGTVDSSEVYSW
LDSFLLLMLGGIPWQAYFQRVLSSSSATYAQVLSFLAAFGCLVMAIPAILIGAIGASTDWNQTAYGLPDPKTTEEADMIL
PIVLQYLCPVYISFFGLGAVSAAVMSSADSSILSASSMFARNIYQLSFRQNASDKEIVWVMRITVFVFGASATAMALLTK
TVYGLWYLSSDLVYIVIFPQLLCVLFVKGTNTYGAVAGYVSGLFLRITGGEPYLYLQPLIFYPGYYPDDNGIYNQKFPFK
TLAMVTSFLTNICISYLAKYLFESGTLPPKLDVFDAVVARHSEENMDKTILVKNENIKLDELALVKPRQSMTLSSTFTNK
EAFLDVDSSPEGSGTEDNLQAAAGGSWSHPQFEKGGGSGGGSGGSAWSHPQFEK
;
_entity_poly.pdbx_strand_id   A
#
# COMPACT_ATOMS: atom_id res chain seq x y z
N ALA A 2 -11.50 -18.56 -24.60
CA ALA A 2 -12.85 -18.71 -24.06
C ALA A 2 -13.34 -17.39 -23.46
N PHE A 3 -13.72 -16.46 -24.34
CA PHE A 3 -14.20 -15.15 -23.90
C PHE A 3 -15.52 -15.31 -23.15
N HIS A 4 -15.63 -14.66 -22.00
CA HIS A 4 -16.82 -14.72 -21.15
C HIS A 4 -17.58 -13.39 -21.28
N VAL A 5 -18.70 -13.42 -22.00
CA VAL A 5 -19.53 -12.23 -22.14
C VAL A 5 -20.23 -11.91 -20.82
N GLU A 6 -20.68 -12.95 -20.11
CA GLU A 6 -21.46 -12.75 -18.89
C GLU A 6 -20.66 -12.05 -17.80
N GLY A 7 -19.36 -12.32 -17.70
CA GLY A 7 -18.53 -11.61 -16.74
C GLY A 7 -18.41 -10.13 -17.04
N LEU A 8 -18.27 -9.79 -18.34
CA LEU A 8 -18.23 -8.40 -18.73
C LEU A 8 -19.56 -7.71 -18.45
N ILE A 9 -20.67 -8.40 -18.70
CA ILE A 9 -21.98 -7.85 -18.36
C ILE A 9 -22.09 -7.62 -16.86
N ALA A 10 -21.59 -8.56 -16.06
CA ALA A 10 -21.66 -8.44 -14.60
C ALA A 10 -20.86 -7.24 -14.11
N ILE A 11 -19.63 -7.09 -14.60
CA ILE A 11 -18.80 -5.98 -14.12
C ILE A 11 -19.35 -4.64 -14.59
N ILE A 12 -19.90 -4.59 -15.81
CA ILE A 12 -20.51 -3.35 -16.30
C ILE A 12 -21.75 -2.99 -15.46
N VAL A 13 -22.61 -3.98 -15.20
CA VAL A 13 -23.83 -3.74 -14.44
C VAL A 13 -23.51 -3.27 -13.03
N PHE A 14 -22.52 -3.90 -12.38
CA PHE A 14 -22.19 -3.50 -11.02
C PHE A 14 -21.49 -2.14 -10.99
N TYR A 15 -20.65 -1.83 -11.98
CA TYR A 15 -20.02 -0.52 -12.05
C TYR A 15 -21.06 0.59 -12.21
N LEU A 16 -22.02 0.39 -13.13
CA LEU A 16 -23.08 1.37 -13.29
C LEU A 16 -24.00 1.42 -12.08
N LEU A 17 -24.22 0.30 -11.40
CA LEU A 17 -25.02 0.33 -10.19
C LEU A 17 -24.35 1.18 -9.11
N ILE A 18 -23.04 1.03 -8.94
CA ILE A 18 -22.30 1.87 -8.00
C ILE A 18 -22.37 3.33 -8.41
N LEU A 19 -22.25 3.58 -9.72
CA LEU A 19 -22.27 4.96 -10.22
C LEU A 19 -23.63 5.64 -9.96
N LEU A 20 -24.73 4.94 -10.24
CA LEU A 20 -26.04 5.53 -9.98
C LEU A 20 -26.37 5.59 -8.49
N VAL A 21 -25.82 4.69 -7.67
CA VAL A 21 -25.99 4.85 -6.22
C VAL A 21 -25.28 6.11 -5.75
N GLY A 22 -24.08 6.37 -6.27
CA GLY A 22 -23.39 7.62 -5.95
C GLY A 22 -24.14 8.85 -6.44
N ILE A 23 -24.75 8.76 -7.64
CA ILE A 23 -25.55 9.86 -8.15
C ILE A 23 -26.76 10.12 -7.26
N TRP A 24 -27.42 9.04 -6.81
CA TRP A 24 -28.57 9.19 -5.92
C TRP A 24 -28.16 9.78 -4.58
N ALA A 25 -27.00 9.37 -4.06
CA ALA A 25 -26.50 9.93 -2.80
C ALA A 25 -26.21 11.42 -2.95
N ALA A 26 -25.64 11.83 -4.07
CA ALA A 26 -25.44 13.26 -4.32
C ALA A 26 -26.78 13.98 -4.52
N TRP A 27 -27.77 13.29 -5.09
CA TRP A 27 -29.09 13.88 -5.30
C TRP A 27 -29.79 14.15 -3.97
N ARG A 28 -29.63 13.25 -3.00
CA ARG A 28 -30.19 13.48 -1.67
C ARG A 28 -29.53 14.67 -0.99
N THR A 29 -28.21 14.78 -1.10
CA THR A 29 -27.48 15.89 -0.48
C THR A 29 -27.69 17.18 -1.26
N ARG A 47 -29.57 10.75 12.77
CA ARG A 47 -29.20 10.16 14.05
C ARG A 47 -27.73 10.40 14.36
N ASP A 48 -27.10 11.25 13.54
CA ASP A 48 -25.68 11.59 13.63
C ASP A 48 -24.80 10.33 13.55
N ILE A 49 -24.97 9.60 12.46
CA ILE A 49 -24.18 8.42 12.19
C ILE A 49 -23.01 8.74 11.25
N GLY A 50 -22.64 10.01 11.13
CA GLY A 50 -21.55 10.41 10.26
C GLY A 50 -20.19 9.92 10.72
N LEU A 51 -20.05 9.59 12.01
CA LEU A 51 -18.80 9.01 12.50
C LEU A 51 -18.54 7.65 11.88
N LEU A 52 -19.58 6.80 11.82
CA LEU A 52 -19.43 5.48 11.23
C LEU A 52 -19.19 5.59 9.72
N VAL A 53 -19.86 6.54 9.06
CA VAL A 53 -19.65 6.75 7.63
C VAL A 53 -18.22 7.21 7.36
N GLY A 54 -17.71 8.11 8.20
CA GLY A 54 -16.32 8.54 8.05
C GLY A 54 -15.34 7.42 8.31
N GLY A 55 -15.62 6.56 9.28
CA GLY A 55 -14.77 5.40 9.52
C GLY A 55 -14.76 4.44 8.34
N PHE A 56 -15.94 4.19 7.76
CA PHE A 56 -16.01 3.36 6.55
C PHE A 56 -15.24 3.98 5.40
N THR A 57 -15.36 5.30 5.23
CA THR A 57 -14.72 5.97 4.11
C THR A 57 -13.20 5.99 4.28
N MET A 58 -12.73 6.10 5.52
CA MET A 58 -11.29 6.03 5.77
C MET A 58 -10.77 4.61 5.63
N THR A 59 -11.58 3.61 5.99
CA THR A 59 -11.19 2.22 5.75
C THR A 59 -11.07 1.94 4.27
N ALA A 60 -11.97 2.50 3.46
CA ALA A 60 -11.97 2.23 2.02
C ALA A 60 -10.75 2.79 1.30
N THR A 61 -9.99 3.68 1.94
CA THR A 61 -8.77 4.18 1.30
C THR A 61 -7.70 3.10 1.22
N TRP A 62 -7.48 2.37 2.31
CA TRP A 62 -6.46 1.34 2.33
C TRP A 62 -6.96 0.03 1.72
N VAL A 63 -8.20 -0.35 2.03
CA VAL A 63 -8.74 -1.63 1.58
C VAL A 63 -9.13 -1.52 0.12
N GLY A 64 -8.68 -2.48 -0.68
CA GLY A 64 -8.97 -2.48 -2.09
C GLY A 64 -8.53 -3.78 -2.72
N GLY A 65 -8.29 -3.73 -4.03
CA GLY A 65 -7.80 -4.91 -4.71
C GLY A 65 -6.41 -5.33 -4.26
N GLY A 66 -5.51 -4.36 -4.12
CA GLY A 66 -4.15 -4.66 -3.69
C GLY A 66 -4.10 -5.26 -2.31
N TYR A 67 -4.90 -4.71 -1.38
CA TYR A 67 -4.91 -5.19 0.00
C TYR A 67 -5.32 -6.66 0.09
N ILE A 68 -6.49 -7.00 -0.46
CA ILE A 68 -7.00 -8.35 -0.32
C ILE A 68 -6.19 -9.33 -1.17
N ASN A 69 -5.77 -8.91 -2.37
CA ASN A 69 -4.96 -9.80 -3.20
C ASN A 69 -3.61 -10.07 -2.58
N GLY A 70 -2.96 -9.05 -2.00
CA GLY A 70 -1.69 -9.27 -1.33
C GLY A 70 -1.81 -10.12 -0.09
N THR A 71 -2.88 -9.93 0.69
CA THR A 71 -3.09 -10.76 1.87
C THR A 71 -3.29 -12.23 1.47
N ALA A 72 -4.12 -12.48 0.46
CA ALA A 72 -4.35 -13.84 0.01
C ALA A 72 -3.10 -14.47 -0.56
N GLU A 73 -2.30 -13.69 -1.30
CA GLU A 73 -1.05 -14.20 -1.84
C GLU A 73 -0.06 -14.53 -0.74
N ALA A 74 0.03 -13.66 0.28
CA ALA A 74 0.97 -13.91 1.37
C ALA A 74 0.60 -15.15 2.17
N VAL A 75 -0.70 -15.35 2.40
CA VAL A 75 -1.11 -16.57 3.09
C VAL A 75 -0.92 -17.80 2.20
N TYR A 76 -1.06 -17.62 0.87
CA TYR A 76 -1.05 -18.77 -0.03
C TYR A 76 0.34 -19.36 -0.23
N VAL A 77 1.37 -18.51 -0.30
CA VAL A 77 2.72 -18.95 -0.67
C VAL A 77 3.27 -19.89 0.40
N PRO A 78 3.75 -21.08 0.03
CA PRO A 78 4.11 -22.09 1.05
C PRO A 78 5.25 -21.67 1.98
N GLY A 79 6.23 -20.92 1.49
CA GLY A 79 7.36 -20.57 2.32
C GLY A 79 7.07 -19.51 3.36
N TYR A 80 5.95 -18.81 3.23
CA TYR A 80 5.66 -17.64 4.05
C TYR A 80 4.46 -17.82 4.96
N GLY A 81 3.29 -18.15 4.41
CA GLY A 81 2.13 -18.42 5.24
C GLY A 81 1.55 -17.19 5.93
N LEU A 82 0.70 -17.45 6.92
CA LEU A 82 0.03 -16.38 7.64
C LEU A 82 0.99 -15.62 8.56
N ALA A 83 1.99 -16.31 9.13
CA ALA A 83 2.91 -15.68 10.05
C ALA A 83 3.73 -14.58 9.38
N TRP A 84 3.91 -14.65 8.07
CA TRP A 84 4.62 -13.64 7.30
C TRP A 84 3.69 -12.69 6.57
N ALA A 85 2.36 -12.88 6.68
CA ALA A 85 1.39 -11.95 6.14
C ALA A 85 1.21 -10.79 7.11
N GLN A 86 2.23 -9.93 7.17
CA GLN A 86 2.28 -8.88 8.17
C GLN A 86 1.70 -7.56 7.70
N ALA A 87 1.51 -7.39 6.39
CA ALA A 87 1.05 -6.09 5.87
C ALA A 87 -0.34 -5.70 6.34
N PRO A 88 -1.37 -6.57 6.34
CA PRO A 88 -2.66 -6.12 6.90
C PRO A 88 -2.60 -5.73 8.37
N ILE A 89 -2.02 -6.61 9.20
CA ILE A 89 -1.89 -6.31 10.62
C ILE A 89 -0.99 -5.11 10.84
N GLY A 90 0.09 -5.01 10.05
CA GLY A 90 0.99 -3.89 10.18
C GLY A 90 0.34 -2.57 9.84
N TYR A 91 -0.52 -2.56 8.81
CA TYR A 91 -1.20 -1.31 8.45
C TYR A 91 -2.33 -0.98 9.41
N SER A 92 -3.00 -1.98 9.99
CA SER A 92 -3.96 -1.71 11.05
C SER A 92 -3.28 -1.08 12.26
N LEU A 93 -2.13 -1.62 12.66
CA LEU A 93 -1.38 -1.02 13.76
C LEU A 93 -0.81 0.34 13.36
N SER A 94 -0.53 0.54 12.07
CA SER A 94 -0.11 1.87 11.60
C SER A 94 -1.22 2.88 11.77
N LEU A 95 -2.46 2.48 11.45
CA LEU A 95 -3.60 3.38 11.67
C LEU A 95 -3.80 3.68 13.15
N ILE A 96 -3.66 2.66 14.00
CA ILE A 96 -3.80 2.86 15.45
C ILE A 96 -2.72 3.82 15.96
N LEU A 97 -1.48 3.60 15.54
CA LEU A 97 -0.37 4.45 15.97
C LEU A 97 -0.53 5.87 15.45
N GLY A 98 -1.00 6.03 14.21
CA GLY A 98 -1.27 7.35 13.69
C GLY A 98 -2.30 8.09 14.51
N GLY A 99 -3.43 7.43 14.79
CA GLY A 99 -4.46 8.03 15.62
C GLY A 99 -3.98 8.35 17.03
N LEU A 100 -3.10 7.52 17.58
CA LEU A 100 -2.62 7.77 18.94
C LEU A 100 -1.62 8.92 19.00
N PHE A 101 -0.69 8.99 18.04
CA PHE A 101 0.47 9.84 18.22
C PHE A 101 0.68 10.92 17.15
N PHE A 102 0.20 10.72 15.91
CA PHE A 102 0.50 11.65 14.84
C PHE A 102 -0.67 12.53 14.44
N ALA A 103 -1.90 12.08 14.66
CA ALA A 103 -3.07 12.85 14.24
C ALA A 103 -3.18 14.16 15.01
N LYS A 104 -2.92 14.13 16.32
CA LYS A 104 -3.01 15.35 17.12
C LYS A 104 -1.95 16.39 16.77
N PRO A 105 -0.65 16.07 16.66
CA PRO A 105 0.30 17.14 16.30
C PRO A 105 0.15 17.69 14.90
N MET A 106 -0.27 16.87 13.93
CA MET A 106 -0.54 17.38 12.59
C MET A 106 -1.71 18.35 12.58
N ARG A 107 -2.78 18.03 13.30
CA ARG A 107 -3.93 18.93 13.34
C ARG A 107 -3.69 20.13 14.23
N SER A 108 -2.71 20.06 15.14
CA SER A 108 -2.43 21.19 16.02
C SER A 108 -1.91 22.40 15.25
N LYS A 109 -1.03 22.17 14.28
CA LYS A 109 -0.42 23.25 13.52
C LYS A 109 -1.16 23.57 12.23
N GLY A 110 -2.25 22.86 11.93
CA GLY A 110 -3.08 23.18 10.79
C GLY A 110 -2.44 23.03 9.43
N TYR A 111 -1.74 21.92 9.21
CA TYR A 111 -1.16 21.65 7.91
C TYR A 111 -2.25 21.34 6.88
N VAL A 112 -1.91 21.49 5.61
CA VAL A 112 -2.82 21.15 4.53
C VAL A 112 -2.50 19.77 3.95
N THR A 113 -1.25 19.53 3.57
CA THR A 113 -0.82 18.26 3.01
C THR A 113 0.31 17.67 3.85
N MET A 114 0.74 16.47 3.47
CA MET A 114 1.73 15.74 4.26
C MET A 114 3.12 16.35 4.11
N LEU A 115 3.45 16.89 2.92
CA LEU A 115 4.75 17.50 2.71
C LEU A 115 4.87 18.91 3.28
N ASP A 116 3.77 19.48 3.77
CA ASP A 116 3.83 20.85 4.29
C ASP A 116 4.77 21.04 5.48
N PRO A 117 4.84 20.14 6.48
CA PRO A 117 5.91 20.30 7.48
C PRO A 117 7.31 20.26 6.88
N PHE A 118 7.51 19.38 5.89
CA PHE A 118 8.81 19.34 5.21
C PHE A 118 9.09 20.64 4.45
N GLN A 119 8.07 21.18 3.77
CA GLN A 119 8.22 22.43 3.06
C GLN A 119 8.55 23.58 4.01
N GLN A 120 7.89 23.62 5.17
CA GLN A 120 8.07 24.74 6.08
C GLN A 120 9.39 24.65 6.84
N ILE A 121 9.82 23.45 7.22
CA ILE A 121 11.03 23.31 8.01
C ILE A 121 12.27 23.21 7.13
N TYR A 122 12.29 22.29 6.18
CA TYR A 122 13.48 22.02 5.37
C TYR A 122 13.54 22.87 4.11
N GLY A 123 12.50 23.63 3.79
CA GLY A 123 12.46 24.36 2.55
C GLY A 123 11.82 23.57 1.43
N LYS A 124 11.71 24.23 0.27
CA LYS A 124 11.06 23.61 -0.87
C LYS A 124 11.93 22.57 -1.57
N ARG A 125 13.24 22.79 -1.62
CA ARG A 125 14.13 21.88 -2.35
C ARG A 125 14.25 20.54 -1.62
N MET A 126 14.50 20.56 -0.32
CA MET A 126 14.67 19.31 0.41
C MET A 126 13.35 18.56 0.49
N GLY A 127 12.23 19.28 0.56
CA GLY A 127 10.93 18.65 0.41
C GLY A 127 10.73 18.04 -0.97
N GLY A 128 11.30 18.67 -2.00
CA GLY A 128 11.26 18.07 -3.32
C GLY A 128 12.04 16.77 -3.40
N LEU A 129 13.20 16.72 -2.74
CA LEU A 129 13.92 15.44 -2.63
C LEU A 129 13.12 14.42 -1.82
N LEU A 130 12.43 14.85 -0.78
CA LEU A 130 11.60 13.94 0.00
C LEU A 130 10.39 13.46 -0.78
N PHE A 131 9.95 14.21 -1.79
CA PHE A 131 8.80 13.81 -2.59
C PHE A 131 9.09 12.56 -3.41
N ILE A 132 10.36 12.34 -3.79
CA ILE A 132 10.69 11.20 -4.66
C ILE A 132 10.43 9.85 -3.99
N PRO A 133 10.83 9.60 -2.73
CA PRO A 133 10.39 8.33 -2.11
C PRO A 133 8.89 8.21 -1.98
N ALA A 134 8.18 9.31 -1.70
CA ALA A 134 6.73 9.26 -1.61
C ALA A 134 6.11 8.94 -2.97
N LEU A 135 6.61 9.57 -4.04
CA LEU A 135 6.11 9.27 -5.37
C LEU A 135 6.40 7.83 -5.77
N MET A 136 7.58 7.33 -5.42
CA MET A 136 7.92 5.94 -5.72
C MET A 136 7.02 4.98 -4.95
N GLY A 137 6.73 5.29 -3.69
CA GLY A 137 5.83 4.44 -2.92
C GLY A 137 4.41 4.43 -3.46
N GLU A 138 3.90 5.61 -3.86
CA GLU A 138 2.59 5.67 -4.48
C GLU A 138 2.57 4.93 -5.80
N MET A 139 3.68 4.98 -6.55
CA MET A 139 3.76 4.26 -7.82
C MET A 139 3.76 2.75 -7.61
N PHE A 140 4.50 2.27 -6.59
CA PHE A 140 4.48 0.85 -6.26
C PHE A 140 3.10 0.40 -5.81
N TRP A 141 2.43 1.21 -4.98
CA TRP A 141 1.09 0.89 -4.52
C TRP A 141 0.10 0.84 -5.68
N ALA A 142 0.18 1.81 -6.59
CA ALA A 142 -0.69 1.82 -7.76
C ALA A 142 -0.39 0.65 -8.68
N ALA A 143 0.88 0.25 -8.80
CA ALA A 143 1.22 -0.92 -9.60
C ALA A 143 0.62 -2.18 -9.00
N ALA A 144 0.66 -2.32 -7.67
CA ALA A 144 0.02 -3.46 -7.02
C ALA A 144 -1.48 -3.46 -7.23
N ILE A 145 -2.10 -2.28 -7.12
CA ILE A 145 -3.55 -2.16 -7.33
C ILE A 145 -3.92 -2.53 -8.76
N PHE A 146 -3.14 -2.03 -9.74
CA PHE A 146 -3.40 -2.33 -11.15
C PHE A 146 -3.19 -3.82 -11.44
N SER A 147 -2.17 -4.43 -10.83
CA SER A 147 -1.94 -5.86 -11.01
C SER A 147 -3.12 -6.67 -10.47
N ALA A 148 -3.61 -6.32 -9.28
CA ALA A 148 -4.76 -7.03 -8.73
C ALA A 148 -6.02 -6.82 -9.57
N LEU A 149 -6.25 -5.60 -10.03
CA LEU A 149 -7.42 -5.31 -10.86
C LEU A 149 -7.35 -6.04 -12.19
N GLY A 150 -6.19 -6.04 -12.84
CA GLY A 150 -6.02 -6.77 -14.08
C GLY A 150 -6.17 -8.27 -13.89
N ALA A 151 -5.69 -8.79 -12.76
CA ALA A 151 -5.87 -10.21 -12.46
C ALA A 151 -7.34 -10.55 -12.31
N THR A 152 -8.09 -9.73 -11.58
CA THR A 152 -9.51 -10.01 -11.37
C THR A 152 -10.28 -9.92 -12.69
N ILE A 153 -9.97 -8.93 -13.52
CA ILE A 153 -10.67 -8.77 -14.80
C ILE A 153 -10.30 -9.89 -15.75
N SER A 154 -9.02 -10.27 -15.80
CA SER A 154 -8.59 -11.38 -16.64
C SER A 154 -9.18 -12.70 -16.18
N VAL A 155 -9.50 -12.83 -14.90
CA VAL A 155 -10.16 -14.05 -14.44
C VAL A 155 -11.64 -14.04 -14.83
N ILE A 156 -12.33 -12.90 -14.65
CA ILE A 156 -13.77 -12.88 -14.90
C ILE A 156 -14.07 -13.00 -16.40
N ILE A 157 -13.23 -12.39 -17.25
CA ILE A 157 -13.51 -12.39 -18.69
C ILE A 157 -12.71 -13.45 -19.43
N ASP A 158 -11.70 -14.01 -18.77
CA ASP A 158 -10.80 -15.03 -19.33
C ASP A 158 -10.03 -14.52 -20.56
N VAL A 159 -9.32 -13.43 -20.35
CA VAL A 159 -8.48 -12.80 -21.36
C VAL A 159 -7.04 -12.84 -20.87
N ASP A 160 -6.12 -12.44 -21.75
CA ASP A 160 -4.71 -12.40 -21.38
C ASP A 160 -4.45 -11.39 -20.27
N MET A 161 -3.49 -11.71 -19.41
CA MET A 161 -3.17 -10.88 -18.25
C MET A 161 -2.71 -9.49 -18.67
N HIS A 162 -1.84 -9.41 -19.68
CA HIS A 162 -1.22 -8.13 -20.04
C HIS A 162 -2.24 -7.18 -20.67
N ILE A 163 -3.02 -7.68 -21.62
CA ILE A 163 -4.04 -6.84 -22.27
C ILE A 163 -5.09 -6.41 -21.25
N SER A 164 -5.46 -7.31 -20.33
CA SER A 164 -6.41 -6.96 -19.28
C SER A 164 -5.87 -5.84 -18.39
N VAL A 165 -4.59 -5.94 -17.99
CA VAL A 165 -3.99 -4.90 -17.16
C VAL A 165 -3.96 -3.57 -17.90
N ILE A 166 -3.55 -3.59 -19.18
CA ILE A 166 -3.46 -2.37 -19.95
C ILE A 166 -4.83 -1.73 -20.14
N ILE A 167 -5.85 -2.54 -20.46
CA ILE A 167 -7.19 -2.00 -20.66
C ILE A 167 -7.77 -1.44 -19.36
N SER A 168 -7.60 -2.17 -18.25
CA SER A 168 -8.14 -1.68 -16.97
C SER A 168 -7.45 -0.39 -16.53
N ALA A 169 -6.12 -0.32 -16.71
CA ALA A 169 -5.40 0.90 -16.37
C ALA A 169 -5.83 2.06 -17.27
N LEU A 170 -6.08 1.77 -18.56
CA LEU A 170 -6.53 2.81 -19.47
C LEU A 170 -7.91 3.33 -19.09
N ILE A 171 -8.82 2.43 -18.72
CA ILE A 171 -10.16 2.86 -18.30
C ILE A 171 -10.09 3.68 -17.02
N ALA A 172 -9.26 3.25 -16.06
CA ALA A 172 -9.10 4.04 -14.84
C ALA A 172 -8.49 5.41 -15.12
N THR A 173 -7.52 5.47 -16.03
CA THR A 173 -6.88 6.74 -16.38
C THR A 173 -7.86 7.69 -17.05
N LEU A 174 -8.67 7.19 -17.99
CA LEU A 174 -9.67 8.05 -18.63
C LEU A 174 -10.80 8.43 -17.68
N TYR A 175 -11.17 7.55 -16.74
CA TYR A 175 -12.16 7.93 -15.75
C TYR A 175 -11.65 9.04 -14.83
N THR A 176 -10.38 8.97 -14.45
CA THR A 176 -9.77 10.07 -13.71
C THR A 176 -9.68 11.32 -14.56
N LEU A 177 -9.36 11.17 -15.84
CA LEU A 177 -9.11 12.31 -16.72
C LEU A 177 -10.36 13.16 -16.92
N VAL A 178 -11.51 12.53 -17.14
CA VAL A 178 -12.78 13.23 -17.31
C VAL A 178 -13.74 12.69 -16.26
N GLY A 179 -14.15 13.55 -15.33
CA GLY A 179 -15.06 13.15 -14.28
C GLY A 179 -14.34 12.55 -13.08
N SER A 183 -21.65 14.74 -8.89
CA SER A 183 -22.00 13.39 -8.45
C SER A 183 -20.83 12.73 -7.73
N VAL A 184 -20.87 11.40 -7.66
CA VAL A 184 -19.86 10.56 -7.03
C VAL A 184 -19.78 10.99 -5.56
N ALA A 185 -20.85 10.74 -4.82
CA ALA A 185 -20.92 11.03 -3.39
C ALA A 185 -21.14 9.73 -2.64
N TYR A 186 -20.36 9.53 -1.56
CA TYR A 186 -20.40 8.33 -0.73
C TYR A 186 -20.15 7.06 -1.55
N THR A 187 -19.30 7.15 -2.57
CA THR A 187 -18.99 5.98 -3.38
C THR A 187 -18.06 5.02 -2.66
N ASP A 188 -17.17 5.52 -1.80
CA ASP A 188 -16.24 4.65 -1.09
C ASP A 188 -16.96 3.69 -0.17
N VAL A 189 -18.04 4.16 0.48
CA VAL A 189 -18.83 3.31 1.35
C VAL A 189 -19.46 2.17 0.54
N VAL A 190 -19.99 2.49 -0.64
CA VAL A 190 -20.61 1.46 -1.48
C VAL A 190 -19.56 0.47 -1.98
N GLN A 191 -18.37 0.97 -2.34
CA GLN A 191 -17.29 0.08 -2.80
C GLN A 191 -16.88 -0.88 -1.69
N LEU A 192 -16.69 -0.36 -0.46
CA LEU A 192 -16.29 -1.21 0.65
C LEU A 192 -17.39 -2.21 0.99
N PHE A 193 -18.65 -1.78 0.93
CA PHE A 193 -19.77 -2.69 1.19
C PHE A 193 -19.85 -3.79 0.13
N CYS A 194 -19.60 -3.44 -1.14
CA CYS A 194 -19.61 -4.44 -2.20
C CYS A 194 -18.47 -5.45 -2.02
N ILE A 195 -17.28 -4.96 -1.65
CA ILE A 195 -16.15 -5.87 -1.41
C ILE A 195 -16.47 -6.80 -0.25
N PHE A 196 -16.99 -6.24 0.85
CA PHE A 196 -17.33 -7.04 2.03
C PHE A 196 -18.37 -8.10 1.71
N VAL A 197 -19.44 -7.71 1.02
CA VAL A 197 -20.53 -8.64 0.72
C VAL A 197 -20.05 -9.73 -0.24
N GLY A 198 -19.29 -9.34 -1.29
CA GLY A 198 -18.81 -10.33 -2.23
C GLY A 198 -17.88 -11.35 -1.59
N LEU A 199 -16.92 -10.87 -0.78
CA LEU A 199 -15.99 -11.78 -0.14
C LEU A 199 -16.69 -12.69 0.87
N TRP A 200 -17.59 -12.13 1.69
CA TRP A 200 -18.22 -12.93 2.72
C TRP A 200 -19.38 -13.76 2.21
N ILE A 201 -19.80 -13.57 0.97
CA ILE A 201 -20.69 -14.53 0.33
C ILE A 201 -19.89 -15.63 -0.39
N SER A 202 -18.74 -15.28 -0.97
CA SER A 202 -17.93 -16.29 -1.65
C SER A 202 -17.25 -17.24 -0.67
N VAL A 203 -16.93 -16.77 0.54
CA VAL A 203 -16.21 -17.63 1.50
C VAL A 203 -16.98 -18.89 1.90
N PRO A 204 -18.27 -18.82 2.30
CA PRO A 204 -18.96 -20.07 2.67
C PRO A 204 -19.11 -21.07 1.53
N PHE A 205 -19.28 -20.60 0.29
CA PHE A 205 -19.35 -21.53 -0.83
C PHE A 205 -17.99 -22.11 -1.18
N ALA A 206 -16.93 -21.32 -1.01
CA ALA A 206 -15.58 -21.84 -1.24
C ALA A 206 -15.20 -22.88 -0.20
N LEU A 207 -15.61 -22.67 1.07
CA LEU A 207 -15.30 -23.62 2.12
C LEU A 207 -16.01 -24.95 1.93
N SER A 208 -17.18 -24.93 1.30
CA SER A 208 -17.97 -26.14 1.09
C SER A 208 -17.62 -26.86 -0.21
N HIS A 209 -16.67 -26.36 -0.98
CA HIS A 209 -16.25 -27.04 -2.20
C HIS A 209 -15.57 -28.35 -1.85
N PRO A 210 -15.90 -29.46 -2.55
CA PRO A 210 -15.30 -30.75 -2.19
C PRO A 210 -13.80 -30.84 -2.45
N ALA A 211 -13.23 -29.95 -3.27
CA ALA A 211 -11.79 -29.96 -3.48
C ALA A 211 -11.05 -29.45 -2.25
N VAL A 212 -11.62 -28.47 -1.56
CA VAL A 212 -10.96 -27.87 -0.41
C VAL A 212 -11.00 -28.84 0.76
N ALA A 213 -9.84 -29.02 1.39
CA ALA A 213 -9.74 -29.86 2.59
C ALA A 213 -10.17 -29.07 3.82
N ASP A 214 -10.00 -29.67 4.99
CA ASP A 214 -10.34 -29.01 6.25
C ASP A 214 -9.38 -27.85 6.48
N ILE A 215 -9.94 -26.65 6.65
CA ILE A 215 -9.11 -25.45 6.78
C ILE A 215 -8.34 -25.45 8.10
N GLY A 216 -8.91 -26.03 9.15
CA GLY A 216 -8.20 -26.08 10.42
C GLY A 216 -7.07 -27.10 10.43
N PHE A 217 -7.24 -28.20 9.71
CA PHE A 217 -6.22 -29.25 9.68
C PHE A 217 -4.96 -28.79 8.98
N THR A 218 -5.12 -28.13 7.83
CA THR A 218 -3.96 -27.69 7.04
C THR A 218 -3.25 -26.50 7.65
N ALA A 219 -3.81 -25.87 8.67
CA ALA A 219 -3.13 -24.77 9.35
C ALA A 219 -1.88 -25.25 10.08
N VAL A 220 -1.95 -26.45 10.66
CA VAL A 220 -0.84 -27.02 11.42
C VAL A 220 -0.27 -28.28 10.80
N HIS A 221 -0.84 -28.75 9.68
CA HIS A 221 -0.38 -29.97 9.03
C HIS A 221 -0.19 -29.70 7.55
N ALA A 222 0.64 -30.53 6.91
CA ALA A 222 1.01 -30.36 5.52
C ALA A 222 0.51 -31.56 4.71
N LYS A 223 -0.41 -31.31 3.79
CA LYS A 223 -0.87 -32.34 2.85
C LYS A 223 -0.62 -31.98 1.40
N TYR A 224 -0.94 -30.74 0.99
CA TYR A 224 -0.69 -30.29 -0.37
C TYR A 224 0.52 -29.36 -0.46
N GLN A 225 0.75 -28.55 0.56
CA GLN A 225 1.92 -27.68 0.64
C GLN A 225 2.25 -27.47 2.10
N LYS A 226 3.17 -26.56 2.38
CA LYS A 226 3.52 -26.24 3.75
C LYS A 226 2.30 -25.63 4.46
N PRO A 227 2.18 -25.83 5.78
CA PRO A 227 1.04 -25.28 6.51
C PRO A 227 0.95 -23.76 6.39
N TRP A 228 -0.28 -23.28 6.20
CA TRP A 228 -0.49 -21.88 5.86
C TRP A 228 -0.40 -20.94 7.06
N LEU A 229 -0.31 -21.47 8.28
CA LEU A 229 0.03 -20.62 9.41
C LEU A 229 1.44 -20.07 9.29
N GLY A 230 2.37 -20.90 8.83
CA GLY A 230 3.76 -20.51 8.70
C GLY A 230 4.56 -20.75 9.96
N THR A 231 5.88 -20.80 9.80
CA THR A 231 6.80 -20.99 10.90
C THR A 231 7.90 -19.95 10.83
N VAL A 232 8.36 -19.50 11.99
CA VAL A 232 9.46 -18.55 12.11
C VAL A 232 10.57 -19.24 12.88
N ASP A 233 11.74 -19.35 12.26
CA ASP A 233 12.88 -19.97 12.92
C ASP A 233 13.45 -19.04 13.98
N SER A 234 14.37 -19.59 14.80
CA SER A 234 14.99 -18.80 15.86
C SER A 234 15.86 -17.70 15.28
N SER A 235 16.52 -17.96 14.15
CA SER A 235 17.40 -16.95 13.55
C SER A 235 16.60 -15.83 12.87
N GLU A 236 15.42 -16.14 12.36
CA GLU A 236 14.64 -15.18 11.58
C GLU A 236 13.90 -14.16 12.44
N VAL A 237 13.91 -14.31 13.77
CA VAL A 237 13.13 -13.45 14.65
C VAL A 237 13.58 -12.00 14.51
N TYR A 238 14.88 -11.78 14.38
CA TYR A 238 15.38 -10.41 14.17
C TYR A 238 14.97 -9.88 12.80
N SER A 239 14.90 -10.75 11.78
CA SER A 239 14.48 -10.29 10.47
C SER A 239 12.97 -10.04 10.42
N TRP A 240 12.20 -10.95 11.03
CA TRP A 240 10.74 -10.83 11.06
C TRP A 240 10.31 -9.50 11.66
N LEU A 241 10.83 -9.18 12.85
CA LEU A 241 10.58 -7.88 13.46
C LEU A 241 11.03 -6.76 12.55
N ASP A 242 12.20 -6.93 11.90
CA ASP A 242 12.70 -5.93 10.97
C ASP A 242 11.72 -5.71 9.82
N SER A 243 11.04 -6.78 9.39
CA SER A 243 9.98 -6.61 8.40
C SER A 243 8.77 -5.94 9.02
N PHE A 244 8.39 -6.37 10.24
CA PHE A 244 7.13 -5.94 10.83
C PHE A 244 7.17 -4.45 11.15
N LEU A 245 8.25 -3.99 11.77
CA LEU A 245 8.44 -2.56 12.00
C LEU A 245 8.52 -1.77 10.70
N LEU A 246 8.89 -2.43 9.59
CA LEU A 246 8.84 -1.76 8.30
C LEU A 246 7.41 -1.46 7.89
N LEU A 247 6.48 -2.37 8.20
CA LEU A 247 5.10 -2.19 7.79
C LEU A 247 4.30 -1.39 8.80
N MET A 248 4.56 -1.58 10.09
CA MET A 248 3.87 -0.82 11.12
C MET A 248 4.22 0.66 11.05
N LEU A 249 5.51 0.97 10.86
CA LEU A 249 5.95 2.35 10.88
C LEU A 249 6.00 2.99 9.49
N GLY A 250 6.13 2.18 8.44
CA GLY A 250 6.17 2.72 7.09
C GLY A 250 4.82 3.12 6.54
N GLY A 251 3.73 2.62 7.12
CA GLY A 251 2.40 2.94 6.64
C GLY A 251 1.81 4.23 7.16
N ILE A 252 2.43 4.84 8.16
CA ILE A 252 1.95 6.09 8.74
C ILE A 252 2.11 7.28 7.79
N PRO A 253 3.30 7.57 7.20
CA PRO A 253 3.49 8.89 6.58
C PRO A 253 2.80 9.10 5.24
N TRP A 254 1.84 8.26 4.87
CA TRP A 254 1.18 8.40 3.58
C TRP A 254 0.28 9.63 3.52
N GLN A 255 0.21 10.21 2.31
CA GLN A 255 -0.57 11.43 2.11
C GLN A 255 -2.07 11.18 2.23
N ALA A 256 -2.53 10.01 1.77
CA ALA A 256 -3.96 9.74 1.76
C ALA A 256 -4.54 9.70 3.17
N TYR A 257 -3.77 9.17 4.13
CA TYR A 257 -4.25 9.12 5.51
C TYR A 257 -4.24 10.51 6.15
N PHE A 258 -3.18 11.28 5.94
CA PHE A 258 -3.09 12.58 6.58
C PHE A 258 -4.06 13.59 5.97
N GLN A 259 -4.43 13.40 4.70
CA GLN A 259 -5.48 14.23 4.11
C GLN A 259 -6.78 14.07 4.87
N ARG A 260 -7.14 12.82 5.19
CA ARG A 260 -8.36 12.57 5.95
C ARG A 260 -8.22 13.04 7.39
N VAL A 261 -7.02 12.94 7.96
CA VAL A 261 -6.80 13.38 9.34
C VAL A 261 -7.01 14.90 9.45
N LEU A 262 -6.39 15.66 8.55
CA LEU A 262 -6.54 17.11 8.58
C LEU A 262 -7.89 17.58 8.05
N SER A 263 -8.60 16.74 7.29
CA SER A 263 -9.95 17.08 6.86
C SER A 263 -10.96 17.00 8.00
N SER A 264 -10.63 16.27 9.07
CA SER A 264 -11.57 16.09 10.17
C SER A 264 -11.78 17.39 10.93
N SER A 265 -12.94 17.50 11.58
CA SER A 265 -13.31 18.73 12.28
C SER A 265 -12.45 18.93 13.53
N SER A 266 -12.32 17.90 14.35
CA SER A 266 -11.58 17.99 15.61
C SER A 266 -10.56 16.87 15.69
N ALA A 267 -9.56 17.07 16.55
CA ALA A 267 -8.50 16.07 16.71
C ALA A 267 -9.03 14.77 17.27
N THR A 268 -9.91 14.85 18.27
CA THR A 268 -10.51 13.64 18.84
C THR A 268 -11.35 12.90 17.79
N TYR A 269 -12.06 13.64 16.94
CA TYR A 269 -12.80 13.03 15.85
C TYR A 269 -11.87 12.28 14.91
N ALA A 270 -10.70 12.88 14.61
CA ALA A 270 -9.71 12.21 13.76
C ALA A 270 -9.18 10.95 14.41
N GLN A 271 -8.94 10.98 15.73
CA GLN A 271 -8.48 9.79 16.42
C GLN A 271 -9.50 8.68 16.38
N VAL A 272 -10.79 9.02 16.57
CA VAL A 272 -11.83 8.00 16.55
C VAL A 272 -12.00 7.43 15.15
N LEU A 273 -11.89 8.28 14.11
CA LEU A 273 -11.93 7.77 12.74
C LEU A 273 -10.76 6.84 12.47
N SER A 274 -9.57 7.18 12.99
CA SER A 274 -8.41 6.32 12.80
C SER A 274 -8.60 4.96 13.47
N PHE A 275 -9.12 4.95 14.69
CA PHE A 275 -9.37 3.68 15.37
C PHE A 275 -10.44 2.86 14.66
N LEU A 276 -11.50 3.51 14.18
CA LEU A 276 -12.54 2.79 13.45
C LEU A 276 -12.00 2.25 12.11
N ALA A 277 -11.12 3.01 11.46
CA ALA A 277 -10.51 2.53 10.21
C ALA A 277 -9.60 1.35 10.47
N ALA A 278 -8.85 1.37 11.57
CA ALA A 278 -8.01 0.22 11.93
C ALA A 278 -8.86 -1.00 12.22
N PHE A 279 -9.97 -0.82 12.94
CA PHE A 279 -10.87 -1.94 13.20
C PHE A 279 -11.47 -2.48 11.90
N GLY A 280 -11.84 -1.59 10.99
CA GLY A 280 -12.38 -2.02 9.71
C GLY A 280 -11.36 -2.77 8.87
N CYS A 281 -10.10 -2.32 8.89
CA CYS A 281 -9.04 -3.03 8.19
C CYS A 281 -8.83 -4.41 8.79
N LEU A 282 -8.86 -4.52 10.12
CA LEU A 282 -8.72 -5.82 10.77
C LEU A 282 -9.87 -6.75 10.40
N VAL A 283 -11.09 -6.22 10.34
CA VAL A 283 -12.24 -7.05 9.96
C VAL A 283 -12.12 -7.49 8.50
N MET A 284 -11.73 -6.57 7.61
CA MET A 284 -11.66 -6.89 6.19
C MET A 284 -10.47 -7.79 5.85
N ALA A 285 -9.46 -7.87 6.72
CA ALA A 285 -8.37 -8.78 6.48
C ALA A 285 -8.76 -10.25 6.67
N ILE A 286 -9.80 -10.52 7.45
CA ILE A 286 -10.22 -11.88 7.77
C ILE A 286 -10.71 -12.65 6.52
N PRO A 287 -11.60 -12.11 5.67
CA PRO A 287 -11.96 -12.88 4.46
C PRO A 287 -10.79 -13.11 3.52
N ALA A 288 -9.86 -12.16 3.41
CA ALA A 288 -8.69 -12.38 2.56
C ALA A 288 -7.81 -13.50 3.10
N ILE A 289 -7.61 -13.53 4.42
CA ILE A 289 -6.86 -14.62 5.04
C ILE A 289 -7.56 -15.95 4.82
N LEU A 290 -8.90 -15.95 4.93
CA LEU A 290 -9.65 -17.19 4.70
C LEU A 290 -9.53 -17.66 3.26
N ILE A 291 -9.57 -16.74 2.29
CA ILE A 291 -9.42 -17.13 0.89
C ILE A 291 -8.01 -17.65 0.61
N GLY A 292 -6.99 -17.01 1.20
CA GLY A 292 -5.64 -17.53 1.06
C GLY A 292 -5.47 -18.91 1.65
N ALA A 293 -6.08 -19.15 2.81
CA ALA A 293 -6.04 -20.46 3.44
C ALA A 293 -6.79 -21.51 2.61
N ILE A 294 -7.92 -21.12 2.01
CA ILE A 294 -8.66 -22.03 1.15
C ILE A 294 -7.84 -22.40 -0.08
N GLY A 295 -7.18 -21.41 -0.69
CA GLY A 295 -6.31 -21.69 -1.82
C GLY A 295 -5.14 -22.58 -1.44
N ALA A 296 -4.58 -22.38 -0.24
CA ALA A 296 -3.52 -23.26 0.25
C ALA A 296 -4.04 -24.68 0.47
N SER A 297 -5.28 -24.82 0.92
CA SER A 297 -5.87 -26.13 1.20
C SER A 297 -6.52 -26.78 -0.02
N THR A 298 -6.61 -26.08 -1.14
CA THR A 298 -7.34 -26.59 -2.28
C THR A 298 -6.56 -27.68 -3.00
N ASP A 299 -7.27 -28.74 -3.41
CA ASP A 299 -6.74 -29.77 -4.29
C ASP A 299 -7.19 -29.43 -5.71
N TRP A 300 -6.27 -28.89 -6.51
CA TRP A 300 -6.64 -28.30 -7.79
C TRP A 300 -6.92 -29.32 -8.88
N ASN A 301 -6.65 -30.61 -8.63
CA ASN A 301 -7.02 -31.63 -9.61
C ASN A 301 -8.53 -31.77 -9.71
N GLN A 302 -9.23 -31.64 -8.57
CA GLN A 302 -10.69 -31.77 -8.58
C GLN A 302 -11.36 -30.61 -9.30
N THR A 303 -10.75 -29.44 -9.29
CA THR A 303 -11.37 -28.25 -9.85
C THR A 303 -11.21 -28.22 -11.36
N ALA A 304 -11.74 -27.17 -11.98
CA ALA A 304 -11.57 -26.95 -13.41
C ALA A 304 -10.27 -26.25 -13.76
N TYR A 305 -9.56 -25.73 -12.75
CA TYR A 305 -8.27 -25.08 -13.00
C TYR A 305 -7.24 -26.09 -13.49
N GLY A 306 -7.14 -27.24 -12.84
CA GLY A 306 -6.28 -28.30 -13.27
C GLY A 306 -4.83 -28.08 -12.89
N LEU A 307 -4.06 -29.17 -12.96
CA LEU A 307 -2.62 -29.06 -12.74
C LEU A 307 -1.95 -28.41 -13.94
N PRO A 308 -0.91 -27.60 -13.72
CA PRO A 308 -0.27 -27.25 -12.45
C PRO A 308 -1.06 -26.26 -11.59
N ASP A 309 -0.80 -26.25 -10.29
CA ASP A 309 -1.46 -25.33 -9.38
C ASP A 309 -0.93 -23.91 -9.61
N PRO A 310 -1.63 -22.88 -9.11
CA PRO A 310 -1.20 -21.49 -9.42
C PRO A 310 0.22 -21.15 -9.01
N LYS A 311 0.76 -21.77 -7.96
CA LYS A 311 2.12 -21.48 -7.56
C LYS A 311 3.14 -22.04 -8.56
N THR A 312 2.87 -23.18 -9.18
CA THR A 312 3.74 -23.68 -10.24
C THR A 312 3.53 -22.95 -11.56
N THR A 313 2.34 -22.36 -11.75
CA THR A 313 2.03 -21.57 -12.94
C THR A 313 2.59 -20.16 -12.84
N GLU A 314 3.22 -19.83 -11.71
CA GLU A 314 3.61 -18.45 -11.36
C GLU A 314 2.43 -17.49 -11.46
N GLU A 315 1.28 -17.94 -10.96
CA GLU A 315 0.08 -17.13 -10.84
C GLU A 315 -0.42 -17.14 -9.40
N ALA A 316 0.50 -17.15 -8.44
CA ALA A 316 0.10 -17.14 -7.03
C ALA A 316 -0.56 -15.83 -6.64
N ASP A 317 -0.07 -14.71 -7.18
CA ASP A 317 -0.63 -13.40 -6.87
C ASP A 317 -2.06 -13.24 -7.37
N MET A 318 -2.54 -14.14 -8.22
CA MET A 318 -3.92 -14.17 -8.67
C MET A 318 -4.77 -15.16 -7.88
N ILE A 319 -4.36 -15.50 -6.66
CA ILE A 319 -5.04 -16.58 -5.94
C ILE A 319 -6.45 -16.17 -5.53
N LEU A 320 -6.66 -14.90 -5.15
CA LEU A 320 -8.00 -14.49 -4.73
C LEU A 320 -9.01 -14.52 -5.87
N PRO A 321 -8.74 -13.98 -7.07
CA PRO A 321 -9.72 -14.16 -8.15
C PRO A 321 -9.94 -15.59 -8.57
N ILE A 322 -8.93 -16.46 -8.46
CA ILE A 322 -9.08 -17.85 -8.86
C ILE A 322 -10.03 -18.58 -7.91
N VAL A 323 -9.82 -18.41 -6.60
CA VAL A 323 -10.65 -19.10 -5.61
C VAL A 323 -12.11 -18.68 -5.72
N LEU A 324 -12.35 -17.38 -5.91
CA LEU A 324 -13.71 -16.90 -6.11
C LEU A 324 -14.32 -17.41 -7.42
N GLN A 325 -13.48 -17.78 -8.39
CA GLN A 325 -14.00 -18.20 -9.68
C GLN A 325 -14.17 -19.71 -9.77
N TYR A 326 -13.16 -20.47 -9.34
CA TYR A 326 -13.14 -21.91 -9.58
C TYR A 326 -13.65 -22.74 -8.42
N LEU A 327 -13.89 -22.13 -7.25
CA LEU A 327 -14.36 -22.87 -6.08
C LEU A 327 -15.77 -22.47 -5.66
N CYS A 328 -16.46 -21.65 -6.45
CA CYS A 328 -17.78 -21.15 -6.14
C CYS A 328 -18.75 -21.49 -7.26
N PRO A 329 -20.05 -21.59 -6.98
CA PRO A 329 -21.02 -21.82 -8.05
C PRO A 329 -21.08 -20.64 -9.00
N VAL A 330 -21.61 -20.91 -10.20
CA VAL A 330 -21.53 -19.95 -11.30
C VAL A 330 -22.31 -18.67 -10.98
N TYR A 331 -23.44 -18.79 -10.30
CA TYR A 331 -24.20 -17.61 -9.93
C TYR A 331 -23.54 -16.85 -8.77
N ILE A 332 -23.01 -17.57 -7.78
CA ILE A 332 -22.26 -16.93 -6.70
C ILE A 332 -21.01 -16.27 -7.25
N SER A 333 -20.28 -16.98 -8.12
CA SER A 333 -19.09 -16.40 -8.74
C SER A 333 -19.45 -15.15 -9.52
N PHE A 334 -20.49 -15.23 -10.35
CA PHE A 334 -20.99 -14.10 -11.12
C PHE A 334 -21.24 -12.90 -10.22
N PHE A 335 -22.16 -13.05 -9.26
CA PHE A 335 -22.56 -11.93 -8.40
C PHE A 335 -21.38 -11.40 -7.60
N GLY A 336 -20.79 -12.23 -6.74
CA GLY A 336 -19.79 -11.76 -5.81
C GLY A 336 -18.52 -11.26 -6.49
N LEU A 337 -18.01 -12.03 -7.46
CA LEU A 337 -16.75 -11.65 -8.09
C LEU A 337 -16.94 -10.47 -9.04
N GLY A 338 -18.12 -10.32 -9.66
CA GLY A 338 -18.38 -9.11 -10.42
C GLY A 338 -18.49 -7.88 -9.54
N ALA A 339 -19.13 -8.03 -8.37
CA ALA A 339 -19.20 -6.92 -7.42
C ALA A 339 -17.81 -6.52 -6.94
N VAL A 340 -16.97 -7.51 -6.62
CA VAL A 340 -15.59 -7.23 -6.22
C VAL A 340 -14.81 -6.55 -7.34
N SER A 341 -14.99 -7.04 -8.58
CA SER A 341 -14.29 -6.46 -9.72
C SER A 341 -14.68 -5.00 -9.92
N ALA A 342 -15.98 -4.70 -9.86
CA ALA A 342 -16.44 -3.33 -10.06
C ALA A 342 -15.98 -2.42 -8.92
N ALA A 343 -16.02 -2.91 -7.68
CA ALA A 343 -15.58 -2.09 -6.55
C ALA A 343 -14.08 -1.81 -6.62
N VAL A 344 -13.28 -2.81 -7.00
CA VAL A 344 -11.85 -2.62 -7.15
C VAL A 344 -11.55 -1.65 -8.29
N MET A 345 -12.28 -1.79 -9.41
CA MET A 345 -12.09 -0.89 -10.55
C MET A 345 -12.44 0.55 -10.18
N SER A 346 -13.51 0.74 -9.41
CA SER A 346 -13.89 2.08 -8.99
C SER A 346 -12.90 2.66 -7.98
N SER A 347 -12.34 1.82 -7.11
CA SER A 347 -11.40 2.26 -6.09
C SER A 347 -9.95 2.17 -6.53
N ALA A 348 -9.69 1.86 -7.80
CA ALA A 348 -8.32 1.68 -8.26
C ALA A 348 -7.58 3.00 -8.40
N ASP A 349 -8.30 4.09 -8.66
CA ASP A 349 -7.67 5.34 -9.06
C ASP A 349 -7.41 6.31 -7.91
N SER A 350 -7.72 5.94 -6.66
CA SER A 350 -7.58 6.88 -5.55
C SER A 350 -6.13 7.29 -5.33
N SER A 351 -5.21 6.33 -5.43
CA SER A 351 -3.79 6.65 -5.31
C SER A 351 -3.32 7.57 -6.43
N ILE A 352 -3.90 7.41 -7.63
CA ILE A 352 -3.55 8.28 -8.75
C ILE A 352 -3.92 9.73 -8.42
N LEU A 353 -5.14 9.94 -7.94
CA LEU A 353 -5.57 11.29 -7.58
C LEU A 353 -4.72 11.87 -6.45
N SER A 354 -4.41 11.05 -5.43
CA SER A 354 -3.62 11.55 -4.31
C SER A 354 -2.22 11.97 -4.75
N ALA A 355 -1.54 11.08 -5.49
CA ALA A 355 -0.18 11.38 -5.94
C ALA A 355 -0.15 12.55 -6.92
N SER A 356 -1.13 12.63 -7.82
CA SER A 356 -1.14 13.70 -8.81
C SER A 356 -1.47 15.04 -8.16
N SER A 357 -2.39 15.06 -7.20
CA SER A 357 -2.68 16.29 -6.47
C SER A 357 -1.48 16.73 -5.66
N MET A 358 -0.76 15.78 -5.06
CA MET A 358 0.46 16.12 -4.33
C MET A 358 1.52 16.70 -5.26
N PHE A 359 1.65 16.11 -6.46
CA PHE A 359 2.60 16.62 -7.46
C PHE A 359 2.23 18.02 -7.91
N ALA A 360 0.94 18.28 -8.13
CA ALA A 360 0.51 19.60 -8.59
C ALA A 360 0.67 20.64 -7.50
N ARG A 361 0.33 20.30 -6.25
CA ARG A 361 0.35 21.29 -5.18
C ARG A 361 1.77 21.58 -4.71
N ASN A 362 2.55 20.54 -4.41
CA ASN A 362 3.79 20.74 -3.68
C ASN A 362 4.93 21.18 -4.59
N ILE A 363 5.30 20.35 -5.55
CA ILE A 363 6.55 20.56 -6.27
C ILE A 363 6.39 21.42 -7.52
N TYR A 364 5.26 21.31 -8.23
CA TYR A 364 5.15 22.01 -9.51
C TYR A 364 4.72 23.46 -9.33
N GLN A 365 3.69 23.70 -8.52
CA GLN A 365 3.14 25.05 -8.39
C GLN A 365 4.12 26.00 -7.71
N LEU A 366 4.83 25.52 -6.69
CA LEU A 366 5.68 26.38 -5.87
C LEU A 366 7.16 26.20 -6.19
N SER A 367 7.67 24.97 -6.11
CA SER A 367 9.10 24.75 -6.33
C SER A 367 9.46 24.87 -7.82
N PHE A 368 8.63 24.31 -8.69
CA PHE A 368 8.90 24.37 -10.12
C PHE A 368 8.13 25.51 -10.78
N SER A 373 -1.22 29.84 -12.78
CA SER A 373 -2.44 29.75 -13.58
C SER A 373 -3.19 28.46 -13.29
N ASP A 374 -4.50 28.57 -13.05
CA ASP A 374 -5.30 27.39 -12.75
C ASP A 374 -5.45 26.48 -13.96
N LYS A 375 -5.51 27.05 -15.17
CA LYS A 375 -5.55 26.24 -16.38
C LYS A 375 -4.28 25.42 -16.54
N GLU A 376 -3.13 26.02 -16.22
CA GLU A 376 -1.87 25.27 -16.22
C GLU A 376 -1.91 24.17 -15.18
N ILE A 377 -2.52 24.43 -14.02
CA ILE A 377 -2.64 23.41 -12.98
C ILE A 377 -3.46 22.23 -13.49
N VAL A 378 -4.57 22.51 -14.17
CA VAL A 378 -5.41 21.44 -14.71
C VAL A 378 -4.67 20.66 -15.80
N TRP A 379 -3.94 21.36 -16.67
CA TRP A 379 -3.21 20.69 -17.74
C TRP A 379 -2.11 19.79 -17.18
N VAL A 380 -1.36 20.28 -16.20
CA VAL A 380 -0.31 19.48 -15.57
C VAL A 380 -0.92 18.33 -14.79
N MET A 381 -2.09 18.54 -14.17
CA MET A 381 -2.84 17.46 -13.53
C MET A 381 -3.13 16.35 -14.52
N ARG A 382 -3.65 16.70 -15.70
CA ARG A 382 -3.96 15.70 -16.71
C ARG A 382 -2.70 14.95 -17.16
N ILE A 383 -1.62 15.70 -17.43
CA ILE A 383 -0.38 15.09 -17.91
C ILE A 383 0.19 14.15 -16.87
N THR A 384 0.22 14.58 -15.61
CA THR A 384 0.83 13.74 -14.58
C THR A 384 -0.04 12.54 -14.23
N VAL A 385 -1.37 12.65 -14.36
CA VAL A 385 -2.22 11.46 -14.24
C VAL A 385 -1.90 10.47 -15.33
N PHE A 386 -1.75 10.94 -16.57
CA PHE A 386 -1.43 10.01 -17.66
C PHE A 386 -0.07 9.34 -17.46
N VAL A 387 0.94 10.13 -17.08
CA VAL A 387 2.29 9.59 -16.91
C VAL A 387 2.33 8.61 -15.74
N PHE A 388 1.68 8.97 -14.62
CA PHE A 388 1.64 8.09 -13.47
C PHE A 388 0.93 6.78 -13.79
N GLY A 389 -0.19 6.85 -14.52
CA GLY A 389 -0.89 5.64 -14.91
C GLY A 389 -0.07 4.75 -15.83
N ALA A 390 0.62 5.36 -16.79
CA ALA A 390 1.45 4.59 -17.71
C ALA A 390 2.62 3.92 -16.98
N SER A 391 3.29 4.66 -16.08
CA SER A 391 4.39 4.07 -15.33
C SER A 391 3.89 2.96 -14.40
N ALA A 392 2.74 3.17 -13.75
CA ALA A 392 2.20 2.16 -12.85
C ALA A 392 1.80 0.90 -13.61
N THR A 393 1.20 1.04 -14.81
CA THR A 393 0.82 -0.16 -15.53
C THR A 393 2.02 -0.86 -16.15
N ALA A 394 3.06 -0.13 -16.54
CA ALA A 394 4.28 -0.80 -16.99
C ALA A 394 4.93 -1.57 -15.84
N MET A 395 4.99 -0.96 -14.66
CA MET A 395 5.56 -1.63 -13.50
C MET A 395 4.72 -2.83 -13.08
N ALA A 396 3.40 -2.75 -13.25
CA ALA A 396 2.55 -3.92 -13.01
C ALA A 396 2.80 -5.00 -14.04
N LEU A 397 3.10 -4.63 -15.29
CA LEU A 397 3.39 -5.63 -16.32
C LEU A 397 4.69 -6.36 -16.04
N LEU A 398 5.73 -5.66 -15.59
CA LEU A 398 7.02 -6.32 -15.36
C LEU A 398 6.98 -7.25 -14.16
N THR A 399 6.32 -6.87 -13.07
CA THR A 399 6.39 -7.67 -11.86
C THR A 399 5.45 -8.89 -11.93
N LYS A 400 5.66 -9.81 -11.00
CA LYS A 400 4.89 -11.06 -10.93
C LYS A 400 4.24 -11.27 -9.58
N THR A 401 4.15 -10.25 -8.73
CA THR A 401 3.60 -10.40 -7.40
C THR A 401 2.85 -9.13 -6.99
N VAL A 402 1.89 -9.29 -6.09
CA VAL A 402 1.15 -8.18 -5.53
C VAL A 402 1.65 -7.82 -4.13
N TYR A 403 1.87 -8.82 -3.29
CA TYR A 403 2.40 -8.56 -1.94
C TYR A 403 3.82 -8.04 -2.00
N GLY A 404 4.61 -8.46 -2.99
CA GLY A 404 5.96 -7.94 -3.09
C GLY A 404 5.99 -6.44 -3.37
N LEU A 405 5.16 -5.99 -4.30
CA LEU A 405 5.01 -4.56 -4.55
C LEU A 405 4.42 -3.85 -3.34
N TRP A 406 3.48 -4.51 -2.66
CA TRP A 406 2.86 -3.94 -1.46
C TRP A 406 3.88 -3.71 -0.36
N TYR A 407 4.80 -4.66 -0.16
CA TYR A 407 5.84 -4.52 0.85
C TYR A 407 6.90 -3.50 0.42
N LEU A 408 7.31 -3.54 -0.86
CA LEU A 408 8.33 -2.64 -1.35
C LEU A 408 7.83 -1.19 -1.42
N SER A 409 6.52 -0.99 -1.46
CA SER A 409 5.97 0.36 -1.47
C SER A 409 6.28 1.09 -0.17
N SER A 410 6.23 0.40 0.96
CA SER A 410 6.50 1.01 2.25
C SER A 410 7.98 1.05 2.60
N ASP A 411 8.84 0.42 1.79
CA ASP A 411 10.26 0.31 2.13
C ASP A 411 10.93 1.68 2.15
N LEU A 412 10.89 2.40 1.04
CA LEU A 412 11.56 3.70 0.97
C LEU A 412 10.89 4.72 1.86
N VAL A 413 9.59 4.57 2.11
CA VAL A 413 8.90 5.46 3.05
C VAL A 413 9.41 5.22 4.47
N TYR A 414 9.60 3.95 4.85
CA TYR A 414 10.12 3.62 6.17
C TYR A 414 11.55 4.10 6.34
N ILE A 415 12.40 3.89 5.32
CA ILE A 415 13.80 4.26 5.46
C ILE A 415 13.97 5.78 5.46
N VAL A 416 13.22 6.48 4.61
CA VAL A 416 13.45 7.90 4.39
C VAL A 416 12.41 8.76 5.11
N ILE A 417 11.14 8.57 4.76
CA ILE A 417 10.11 9.53 5.13
C ILE A 417 9.83 9.51 6.63
N PHE A 418 9.80 8.31 7.22
CA PHE A 418 9.42 8.18 8.64
C PHE A 418 10.39 8.85 9.60
N PRO A 419 11.73 8.69 9.50
CA PRO A 419 12.60 9.46 10.39
C PRO A 419 12.47 10.96 10.24
N GLN A 420 12.27 11.45 9.02
CA GLN A 420 12.09 12.88 8.81
C GLN A 420 10.78 13.36 9.43
N LEU A 421 9.72 12.54 9.33
CA LEU A 421 8.45 12.89 9.96
C LEU A 421 8.60 12.94 11.48
N LEU A 422 9.31 11.96 12.05
CA LEU A 422 9.57 11.99 13.50
C LEU A 422 10.35 13.22 13.90
N CYS A 423 11.34 13.60 13.08
CA CYS A 423 12.16 14.76 13.41
C CYS A 423 11.37 16.06 13.31
N VAL A 424 10.52 16.21 12.29
CA VAL A 424 9.78 17.47 12.16
C VAL A 424 8.67 17.55 13.19
N LEU A 425 8.09 16.42 13.61
CA LEU A 425 6.96 16.51 14.53
C LEU A 425 7.41 16.56 15.98
N PHE A 426 8.37 15.72 16.38
CA PHE A 426 8.68 15.53 17.78
C PHE A 426 10.04 16.06 18.20
N VAL A 427 10.96 16.28 17.26
CA VAL A 427 12.31 16.73 17.60
C VAL A 427 12.40 18.23 17.33
N LYS A 428 12.68 18.99 18.38
CA LYS A 428 12.84 20.43 18.22
C LYS A 428 14.26 20.75 17.79
N GLY A 429 14.38 21.70 16.85
CA GLY A 429 15.68 22.14 16.39
C GLY A 429 16.27 21.37 15.24
N THR A 430 15.47 20.63 14.49
CA THR A 430 15.97 19.93 13.31
C THR A 430 16.28 20.93 12.21
N ASN A 431 17.19 20.54 11.31
CA ASN A 431 17.69 21.43 10.27
C ASN A 431 17.71 20.70 8.93
N THR A 432 18.01 21.47 7.88
CA THR A 432 18.20 20.88 6.56
C THR A 432 19.48 20.06 6.49
N TYR A 433 20.49 20.43 7.28
CA TYR A 433 21.73 19.65 7.34
C TYR A 433 21.46 18.24 7.85
N GLY A 434 20.74 18.13 8.97
CA GLY A 434 20.37 16.82 9.47
C GLY A 434 19.47 16.06 8.52
N ALA A 435 18.60 16.77 7.82
CA ALA A 435 17.73 16.11 6.83
C ALA A 435 18.55 15.49 5.71
N VAL A 436 19.48 16.27 5.15
CA VAL A 436 20.32 15.77 4.05
C VAL A 436 21.21 14.62 4.52
N ALA A 437 21.81 14.77 5.71
CA ALA A 437 22.69 13.72 6.23
C ALA A 437 21.93 12.43 6.51
N GLY A 438 20.74 12.54 7.10
CA GLY A 438 19.92 11.36 7.33
C GLY A 438 19.43 10.73 6.05
N TYR A 439 19.11 11.55 5.05
CA TYR A 439 18.73 11.04 3.74
C TYR A 439 19.87 10.22 3.13
N VAL A 440 21.08 10.79 3.10
CA VAL A 440 22.22 10.11 2.50
C VAL A 440 22.56 8.84 3.28
N SER A 441 22.53 8.91 4.61
CA SER A 441 22.83 7.73 5.43
C SER A 441 21.79 6.62 5.23
N GLY A 442 20.51 6.98 5.17
CA GLY A 442 19.47 5.99 4.94
C GLY A 442 19.59 5.33 3.59
N LEU A 443 19.82 6.12 2.53
CA LEU A 443 20.03 5.52 1.21
C LEU A 443 21.28 4.65 1.16
N PHE A 444 22.36 5.08 1.83
CA PHE A 444 23.59 4.30 1.79
C PHE A 444 23.41 2.96 2.49
N LEU A 445 22.85 2.98 3.71
CA LEU A 445 22.65 1.72 4.42
C LEU A 445 21.55 0.86 3.81
N ARG A 446 20.62 1.45 3.06
CA ARG A 446 19.62 0.64 2.37
C ARG A 446 20.18 -0.01 1.11
N ILE A 447 20.99 0.72 0.35
CA ILE A 447 21.54 0.19 -0.89
C ILE A 447 22.64 -0.82 -0.62
N THR A 448 23.55 -0.50 0.30
CA THR A 448 24.65 -1.41 0.62
C THR A 448 24.17 -2.69 1.29
N GLY A 449 22.95 -2.70 1.83
CA GLY A 449 22.37 -3.94 2.31
C GLY A 449 21.94 -4.87 1.19
N GLY A 450 21.78 -4.35 -0.01
CA GLY A 450 21.46 -5.18 -1.16
C GLY A 450 19.97 -5.44 -1.34
N GLU A 451 19.52 -5.43 -2.58
CA GLU A 451 18.14 -5.75 -2.92
C GLU A 451 18.10 -7.02 -3.76
N PRO A 452 17.52 -8.12 -3.26
CA PRO A 452 17.44 -9.35 -4.06
C PRO A 452 16.63 -9.20 -5.34
N TYR A 453 15.62 -8.32 -5.34
CA TYR A 453 14.77 -8.17 -6.51
C TYR A 453 15.50 -7.52 -7.67
N LEU A 454 16.37 -6.54 -7.38
CA LEU A 454 17.10 -5.83 -8.41
C LEU A 454 18.45 -6.45 -8.71
N TYR A 455 18.73 -7.64 -8.16
CA TYR A 455 20.01 -8.35 -8.33
C TYR A 455 21.17 -7.47 -7.86
N LEU A 456 20.98 -6.78 -6.75
CA LEU A 456 21.98 -5.86 -6.20
C LEU A 456 22.78 -6.58 -5.12
N GLN A 457 24.07 -6.76 -5.37
CA GLN A 457 24.94 -7.41 -4.40
C GLN A 457 25.16 -6.52 -3.19
N PRO A 458 25.01 -7.03 -1.96
CA PRO A 458 25.23 -6.20 -0.78
C PRO A 458 26.70 -5.85 -0.62
N LEU A 459 26.98 -4.54 -0.49
CA LEU A 459 28.34 -4.10 -0.25
C LEU A 459 28.78 -4.43 1.17
N ILE A 460 27.92 -4.17 2.16
CA ILE A 460 28.22 -4.44 3.56
C ILE A 460 27.64 -5.81 3.92
N PHE A 461 28.47 -6.67 4.48
CA PHE A 461 28.09 -8.05 4.79
C PHE A 461 27.82 -8.16 6.29
N TYR A 462 26.57 -7.97 6.67
CA TYR A 462 26.17 -8.12 8.05
C TYR A 462 26.19 -9.60 8.44
N PRO A 463 26.36 -9.91 9.73
CA PRO A 463 26.38 -11.33 10.14
C PRO A 463 25.04 -12.02 9.88
N GLY A 464 25.12 -13.31 9.56
CA GLY A 464 23.95 -14.09 9.27
C GLY A 464 23.54 -14.15 7.81
N TYR A 465 24.34 -13.58 6.91
CA TYR A 465 23.99 -13.58 5.49
C TYR A 465 24.03 -14.98 4.91
N TYR A 466 23.10 -15.27 4.01
CA TYR A 466 22.98 -16.56 3.37
C TYR A 466 22.70 -16.36 1.89
N PRO A 467 23.16 -17.29 1.04
CA PRO A 467 22.83 -17.20 -0.39
C PRO A 467 21.55 -17.95 -0.73
N ASP A 468 20.74 -17.33 -1.58
CA ASP A 468 19.48 -17.91 -2.00
C ASP A 468 19.69 -18.78 -3.24
N ASP A 469 18.59 -19.19 -3.89
CA ASP A 469 18.70 -20.00 -5.09
C ASP A 469 19.23 -19.20 -6.27
N ASN A 470 18.94 -17.89 -6.33
CA ASN A 470 19.41 -17.06 -7.43
C ASN A 470 20.90 -16.79 -7.36
N GLY A 471 21.54 -17.06 -6.23
CA GLY A 471 22.96 -16.78 -6.06
C GLY A 471 23.28 -15.43 -5.49
N ILE A 472 22.29 -14.67 -5.05
CA ILE A 472 22.50 -13.35 -4.46
C ILE A 472 22.39 -13.47 -2.94
N TYR A 473 23.34 -12.87 -2.23
CA TYR A 473 23.38 -12.98 -0.78
C TYR A 473 22.26 -12.16 -0.15
N ASN A 474 21.52 -12.79 0.76
CA ASN A 474 20.39 -12.17 1.43
C ASN A 474 20.74 -11.92 2.89
N GLN A 475 20.44 -10.71 3.37
CA GLN A 475 20.76 -10.34 4.74
C GLN A 475 19.68 -10.83 5.70
N LYS A 476 20.11 -11.51 6.77
CA LYS A 476 19.23 -11.93 7.84
C LYS A 476 19.27 -10.96 9.02
N PHE A 477 20.34 -10.18 9.14
CA PHE A 477 20.43 -9.14 10.15
C PHE A 477 19.40 -8.04 9.88
N PRO A 478 18.83 -7.45 10.93
CA PRO A 478 17.88 -6.35 10.72
C PRO A 478 18.55 -5.07 10.23
N PHE A 479 18.95 -5.05 8.97
CA PHE A 479 19.69 -3.89 8.44
C PHE A 479 18.76 -2.75 8.06
N LYS A 480 17.49 -3.03 7.77
CA LYS A 480 16.56 -1.96 7.41
C LYS A 480 16.18 -1.12 8.62
N THR A 481 15.87 -1.77 9.75
CA THR A 481 15.60 -1.05 10.98
C THR A 481 16.84 -0.32 11.46
N LEU A 482 18.02 -0.94 11.28
CA LEU A 482 19.27 -0.26 11.59
C LEU A 482 19.46 0.97 10.72
N ALA A 483 19.08 0.89 9.44
CA ALA A 483 19.17 2.04 8.55
C ALA A 483 18.23 3.15 8.99
N MET A 484 17.01 2.80 9.41
CA MET A 484 16.06 3.80 9.89
C MET A 484 16.58 4.49 11.14
N VAL A 485 17.09 3.72 12.10
CA VAL A 485 17.60 4.29 13.35
C VAL A 485 18.84 5.13 13.07
N THR A 486 19.70 4.68 12.15
CA THR A 486 20.88 5.45 11.78
C THR A 486 20.50 6.76 11.13
N SER A 487 19.48 6.75 10.26
CA SER A 487 19.01 7.98 9.64
C SER A 487 18.46 8.96 10.68
N PHE A 488 17.68 8.44 11.63
CA PHE A 488 17.10 9.29 12.67
C PHE A 488 18.20 9.91 13.55
N LEU A 489 19.14 9.07 14.00
CA LEU A 489 20.21 9.55 14.87
C LEU A 489 21.15 10.49 14.12
N THR A 490 21.41 10.22 12.84
CA THR A 490 22.23 11.11 12.03
C THR A 490 21.55 12.46 11.85
N ASN A 491 20.23 12.45 11.63
CA ASN A 491 19.48 13.70 11.53
C ASN A 491 19.65 14.52 12.79
N ILE A 492 19.40 13.91 13.95
CA ILE A 492 19.50 14.63 15.23
C ILE A 492 20.93 15.13 15.46
N CYS A 493 21.91 14.26 15.25
CA CYS A 493 23.30 14.59 15.57
C CYS A 493 23.84 15.68 14.66
N ILE A 494 23.60 15.56 13.35
CA ILE A 494 24.09 16.57 12.42
C ILE A 494 23.37 17.89 12.62
N SER A 495 22.06 17.85 12.92
CA SER A 495 21.32 19.08 13.18
C SER A 495 21.89 19.84 14.37
N TYR A 496 22.04 19.15 15.51
CA TYR A 496 22.55 19.84 16.69
C TYR A 496 24.04 20.19 16.57
N LEU A 497 24.82 19.38 15.85
CA LEU A 497 26.22 19.71 15.63
C LEU A 497 26.36 20.96 14.78
N ALA A 498 25.54 21.08 13.73
CA ALA A 498 25.58 22.28 12.90
C ALA A 498 25.09 23.50 13.68
N LYS A 499 24.09 23.31 14.54
CA LYS A 499 23.65 24.40 15.40
C LYS A 499 24.78 24.88 16.29
N TYR A 500 25.53 23.95 16.90
CA TYR A 500 26.64 24.33 17.76
C TYR A 500 27.76 24.99 16.97
N LEU A 501 28.05 24.49 15.77
CA LEU A 501 29.11 25.09 14.95
C LEU A 501 28.78 26.50 14.53
N PHE A 502 27.52 26.74 14.12
CA PHE A 502 27.14 28.09 13.72
C PHE A 502 26.96 29.02 14.92
N GLU A 503 26.61 28.48 16.09
CA GLU A 503 26.51 29.32 17.28
C GLU A 503 27.88 29.74 17.79
N SER A 504 28.83 28.80 17.84
CA SER A 504 30.15 29.10 18.38
C SER A 504 30.98 29.99 17.47
N GLY A 505 30.64 30.05 16.19
CA GLY A 505 31.37 30.87 15.25
C GLY A 505 32.43 30.16 14.45
N THR A 506 32.48 28.82 14.50
CA THR A 506 33.46 28.08 13.71
C THR A 506 33.18 28.25 12.22
N LEU A 507 31.91 28.22 11.82
CA LEU A 507 31.52 28.42 10.43
C LEU A 507 30.81 29.74 10.28
N PRO A 508 31.24 30.61 9.36
CA PRO A 508 30.62 31.93 9.21
C PRO A 508 29.23 31.81 8.61
N PRO A 509 28.37 32.81 8.84
CA PRO A 509 27.02 32.79 8.24
C PRO A 509 27.00 32.88 6.72
N LYS A 510 28.11 33.26 6.08
CA LYS A 510 28.17 33.24 4.64
C LYS A 510 28.49 31.87 4.06
N LEU A 511 28.94 30.93 4.90
CA LEU A 511 29.34 29.62 4.42
C LEU A 511 28.15 28.71 4.12
N ASP A 512 27.01 28.97 4.77
CA ASP A 512 25.87 28.05 4.68
C ASP A 512 25.29 28.00 3.27
N VAL A 513 24.75 26.84 2.92
CA VAL A 513 24.14 26.61 1.62
C VAL A 513 22.62 26.54 1.70
N PHE A 514 22.10 25.81 2.69
CA PHE A 514 20.65 25.67 2.85
C PHE A 514 20.05 26.71 3.79
N ASP A 515 20.89 27.50 4.46
CA ASP A 515 20.46 28.64 5.27
C ASP A 515 19.48 28.23 6.37
N ALA A 516 19.71 27.06 6.96
CA ALA A 516 18.80 26.56 7.98
C ALA A 516 18.98 27.29 9.32
N VAL A 517 20.22 27.56 9.71
CA VAL A 517 20.48 28.16 11.02
C VAL A 517 20.03 29.61 11.05
N VAL A 518 20.34 30.37 9.99
CA VAL A 518 20.06 31.81 9.99
C VAL A 518 18.55 32.07 9.99
N ALA A 519 17.80 31.30 9.22
CA ALA A 519 16.35 31.47 9.17
C ALA A 519 15.69 30.86 10.41
#